data_3RFW
#
_entry.id   3RFW
#
_cell.length_a   81.353
_cell.length_b   91.595
_cell.length_c   61.553
_cell.angle_alpha   90.000
_cell.angle_beta   102.270
_cell.angle_gamma   90.000
#
_symmetry.space_group_name_H-M   'C 1 2 1'
#
loop_
_entity.id
_entity.type
_entity.pdbx_description
1 polymer 'Cell-binding factor 2'
2 water water
#
_entity_poly.entity_id   1
_entity_poly.type   'polypeptide(L)'
_entity_poly.pdbx_seq_one_letter_code
;ATVATVNGKSISDTEVSEFFAPMLRGQDFKTLPDNQKKALIQQYIMQDLILQDAKKQNLEKDPLYTKELDRAKDAILVNV
YQEKILNTIKIDAAKVKAFYDQNKDKYVKPARVQAKHILVATEKEAKDIINELKGLKGKELDAKFSELAKEKSIDPGSKN
QGGELGWFDQSTMVKPFTDAAFALKNGTITTTPVKTNFGYHVILKENSQAKGQIKFDEVKQGIENGLKFEEFKKVINQKG
QDLLNSAKVEYK
;
_entity_poly.pdbx_strand_id   A
#
# COMPACT_ATOMS: atom_id res chain seq x y z
N ALA A 1 -6.81 -43.26 4.74
CA ALA A 1 -5.84 -44.40 4.61
C ALA A 1 -4.72 -44.26 5.64
N THR A 2 -4.16 -45.39 6.03
CA THR A 2 -3.21 -45.43 7.11
C THR A 2 -1.82 -45.23 6.56
N VAL A 3 -1.11 -44.24 7.07
CA VAL A 3 0.21 -43.94 6.51
C VAL A 3 1.27 -44.32 7.54
N ALA A 4 0.82 -44.62 8.76
CA ALA A 4 1.72 -45.00 9.83
C ALA A 4 0.93 -45.55 10.99
N THR A 5 1.60 -46.29 11.89
CA THR A 5 1.01 -46.71 13.15
C THR A 5 1.99 -46.29 14.19
N VAL A 6 1.47 -45.94 15.36
CA VAL A 6 2.28 -45.49 16.46
C VAL A 6 1.81 -46.23 17.67
N ASN A 7 2.69 -47.04 18.27
CA ASN A 7 2.34 -48.00 19.30
C ASN A 7 1.10 -48.83 18.96
N GLY A 8 0.95 -49.20 17.69
CA GLY A 8 -0.25 -49.95 17.27
C GLY A 8 -1.38 -49.14 16.63
N LYS A 9 -1.44 -47.84 16.93
CA LYS A 9 -2.54 -47.01 16.48
C LYS A 9 -2.25 -46.39 15.13
N SER A 10 -3.26 -46.45 14.28
CA SER A 10 -3.19 -45.96 12.92
C SER A 10 -3.20 -44.44 12.82
N ILE A 11 -2.36 -43.91 11.92
CA ILE A 11 -2.39 -42.51 11.57
C ILE A 11 -2.86 -42.49 10.11
N SER A 12 -3.98 -41.82 9.86
CA SER A 12 -4.48 -41.62 8.49
C SER A 12 -3.75 -40.50 7.76
N ASP A 13 -3.85 -40.53 6.43
CA ASP A 13 -3.45 -39.40 5.61
C ASP A 13 -4.38 -38.20 5.80
N THR A 14 -5.64 -38.49 6.07
CA THR A 14 -6.67 -37.52 6.42
C THR A 14 -6.27 -36.57 7.55
N GLU A 15 -5.84 -37.13 8.68
CA GLU A 15 -5.52 -36.31 9.82
C GLU A 15 -4.20 -35.53 9.62
N VAL A 16 -3.24 -36.13 8.91
CA VAL A 16 -2.01 -35.44 8.58
C VAL A 16 -2.32 -34.24 7.66
N SER A 17 -3.02 -34.55 6.58
CA SER A 17 -3.53 -33.58 5.64
C SER A 17 -4.31 -32.43 6.28
N GLU A 18 -5.24 -32.73 7.20
CA GLU A 18 -5.98 -31.69 7.88
C GLU A 18 -5.10 -30.86 8.80
N PHE A 19 -4.13 -31.51 9.45
CA PHE A 19 -3.21 -30.76 10.32
C PHE A 19 -2.41 -29.73 9.50
N PHE A 20 -1.98 -30.09 8.28
CA PHE A 20 -1.08 -29.21 7.52
C PHE A 20 -1.78 -28.32 6.49
N ALA A 21 -3.07 -28.53 6.28
CA ALA A 21 -3.83 -27.76 5.28
C ALA A 21 -3.65 -26.22 5.38
N PRO A 22 -3.63 -25.66 6.60
CA PRO A 22 -3.33 -24.23 6.71
C PRO A 22 -1.99 -23.87 6.06
N MET A 23 -0.95 -24.63 6.37
CA MET A 23 0.39 -24.34 5.87
C MET A 23 0.52 -24.63 4.37
N LEU A 24 -0.31 -25.53 3.84
CA LEU A 24 -0.15 -25.94 2.45
C LEU A 24 -0.77 -24.94 1.48
N ARG A 25 -1.65 -24.08 1.99
CA ARG A 25 -2.24 -22.99 1.22
C ARG A 25 -2.91 -23.49 -0.05
N GLY A 26 -3.61 -24.61 0.07
CA GLY A 26 -4.47 -25.07 -1.01
C GLY A 26 -3.90 -26.24 -1.80
N GLN A 27 -2.60 -26.43 -1.73
CA GLN A 27 -1.98 -27.61 -2.34
C GLN A 27 -2.33 -28.86 -1.56
N ASP A 28 -2.81 -29.88 -2.26
CA ASP A 28 -3.27 -31.06 -1.56
C ASP A 28 -2.11 -31.94 -1.15
N PHE A 29 -2.15 -32.35 0.12
CA PHE A 29 -1.16 -33.28 0.67
C PHE A 29 -0.77 -34.35 -0.33
N LYS A 30 -1.77 -34.97 -0.96
CA LYS A 30 -1.53 -36.09 -1.87
C LYS A 30 -0.61 -35.80 -3.05
N THR A 31 -0.43 -34.52 -3.39
CA THR A 31 0.34 -34.17 -4.58
C THR A 31 1.81 -33.86 -4.24
N LEU A 32 2.15 -33.91 -2.96
CA LEU A 32 3.52 -33.66 -2.55
C LEU A 32 4.41 -34.84 -2.95
N PRO A 33 5.69 -34.58 -3.24
CA PRO A 33 6.69 -35.66 -3.40
C PRO A 33 6.82 -36.55 -2.14
N ASP A 34 7.02 -37.85 -2.36
CA ASP A 34 7.14 -38.85 -1.30
C ASP A 34 7.96 -38.43 -0.10
N ASN A 35 9.05 -37.69 -0.32
CA ASN A 35 9.91 -37.33 0.79
C ASN A 35 9.37 -36.14 1.59
N GLN A 36 8.56 -35.30 0.95
CA GLN A 36 7.87 -34.26 1.67
C GLN A 36 6.70 -34.82 2.50
N LYS A 37 5.97 -35.78 1.94
CA LYS A 37 4.90 -36.47 2.66
C LYS A 37 5.45 -37.07 3.94
N LYS A 38 6.61 -37.73 3.79
CA LYS A 38 7.25 -38.47 4.88
C LYS A 38 7.71 -37.53 5.98
N ALA A 39 8.28 -36.40 5.61
CA ALA A 39 8.70 -35.45 6.62
C ALA A 39 7.49 -34.88 7.40
N LEU A 40 6.36 -34.76 6.72
CA LEU A 40 5.18 -34.16 7.34
C LEU A 40 4.54 -35.19 8.24
N ILE A 41 4.53 -36.44 7.80
CA ILE A 41 4.10 -37.53 8.66
C ILE A 41 4.92 -37.66 9.96
N GLN A 42 6.24 -37.54 9.86
CA GLN A 42 7.13 -37.55 11.04
C GLN A 42 6.79 -36.42 11.98
N GLN A 43 6.77 -35.21 11.43
CA GLN A 43 6.42 -34.04 12.20
C GLN A 43 5.07 -34.22 12.94
N TYR A 44 4.09 -34.80 12.26
CA TYR A 44 2.75 -34.97 12.83
C TYR A 44 2.74 -36.00 13.95
N ILE A 45 3.50 -37.08 13.74
CA ILE A 45 3.68 -38.12 14.78
C ILE A 45 4.36 -37.55 16.02
N MET A 46 5.31 -36.66 15.80
CA MET A 46 6.01 -36.01 16.91
C MET A 46 5.05 -35.12 17.69
N GLN A 47 4.25 -34.32 16.97
CA GLN A 47 3.12 -33.57 17.56
C GLN A 47 2.18 -34.50 18.33
N ASP A 48 1.91 -35.66 17.77
CA ASP A 48 0.99 -36.59 18.44
C ASP A 48 1.52 -37.15 19.73
N LEU A 49 2.83 -37.32 19.77
CA LEU A 49 3.47 -37.94 20.92
C LEU A 49 3.65 -36.89 21.97
N ILE A 50 3.84 -35.64 21.58
CA ILE A 50 3.93 -34.58 22.57
C ILE A 50 2.54 -34.43 23.26
N LEU A 51 1.47 -34.56 22.48
CA LEU A 51 0.09 -34.52 23.07
C LEU A 51 -0.12 -35.63 24.09
N GLN A 52 0.27 -36.86 23.73
CA GLN A 52 0.18 -38.00 24.65
C GLN A 52 1.02 -37.79 25.89
N ASP A 53 2.21 -37.23 25.72
CA ASP A 53 3.01 -36.97 26.89
C ASP A 53 2.44 -35.87 27.80
N ALA A 54 1.88 -34.83 27.18
CA ALA A 54 1.25 -33.73 27.92
C ALA A 54 0.08 -34.24 28.78
N LYS A 55 -0.72 -35.13 28.22
CA LYS A 55 -1.83 -35.72 28.96
C LYS A 55 -1.34 -36.61 30.10
N LYS A 56 -0.29 -37.39 29.83
CA LYS A 56 0.39 -38.18 30.84
C LYS A 56 0.87 -37.30 31.99
N GLN A 57 1.26 -36.06 31.69
CA GLN A 57 1.67 -35.15 32.74
C GLN A 57 0.48 -34.33 33.23
N ASN A 58 -0.74 -34.72 32.87
CA ASN A 58 -1.97 -34.01 33.25
C ASN A 58 -2.07 -32.49 32.96
N LEU A 59 -1.51 -32.07 31.82
CA LEU A 59 -1.42 -30.65 31.51
C LEU A 59 -2.76 -30.05 31.07
N GLU A 60 -3.70 -30.90 30.68
CA GLU A 60 -5.09 -30.45 30.48
C GLU A 60 -5.81 -29.88 31.71
N LYS A 61 -5.29 -30.13 32.92
CA LYS A 61 -5.84 -29.49 34.11
C LYS A 61 -5.06 -28.25 34.49
N ASP A 62 -3.98 -27.98 33.75
CA ASP A 62 -3.19 -26.79 34.03
C ASP A 62 -3.98 -25.57 33.64
N PRO A 63 -3.96 -24.53 34.47
CA PRO A 63 -4.80 -23.35 34.16
C PRO A 63 -4.26 -22.58 32.94
N LEU A 64 -2.99 -22.79 32.63
CA LEU A 64 -2.47 -22.26 31.39
C LEU A 64 -3.17 -22.91 30.18
N TYR A 65 -3.73 -24.09 30.37
CA TYR A 65 -4.48 -24.73 29.30
C TYR A 65 -5.97 -24.34 29.33
N THR A 66 -6.61 -24.49 30.49
CA THR A 66 -8.09 -24.42 30.52
C THR A 66 -8.57 -23.00 30.26
N LYS A 67 -7.84 -22.04 30.78
CA LYS A 67 -8.14 -20.65 30.59
C LYS A 67 -7.92 -20.19 29.14
N GLU A 68 -6.92 -20.74 28.46
CA GLU A 68 -6.73 -20.36 27.06
C GLU A 68 -7.66 -21.10 26.14
N LEU A 69 -8.02 -22.31 26.51
CA LEU A 69 -9.02 -23.03 25.77
C LEU A 69 -10.39 -22.37 25.91
N ASP A 70 -10.75 -21.88 27.11
CA ASP A 70 -12.03 -21.15 27.27
C ASP A 70 -12.01 -19.93 26.35
N ARG A 71 -10.90 -19.22 26.31
CA ARG A 71 -10.76 -18.04 25.48
C ARG A 71 -10.90 -18.38 24.00
N ALA A 72 -10.18 -19.42 23.54
CA ALA A 72 -10.20 -19.83 22.13
C ALA A 72 -11.61 -20.25 21.73
N LYS A 73 -12.26 -21.00 22.60
CA LYS A 73 -13.60 -21.49 22.28
C LYS A 73 -14.60 -20.30 22.01
N ASP A 74 -14.58 -19.29 22.89
CA ASP A 74 -15.38 -18.07 22.70
C ASP A 74 -14.93 -17.26 21.46
N ALA A 75 -13.62 -17.12 21.26
CA ALA A 75 -13.17 -16.32 20.13
C ALA A 75 -13.45 -16.97 18.80
N ILE A 76 -13.40 -18.30 18.75
CA ILE A 76 -13.68 -18.98 17.49
C ILE A 76 -15.16 -18.90 17.15
N LEU A 77 -16.03 -19.08 18.15
CA LEU A 77 -17.49 -18.94 17.90
C LEU A 77 -17.87 -17.52 17.38
N VAL A 78 -17.29 -16.49 17.99
CA VAL A 78 -17.56 -15.12 17.59
C VAL A 78 -17.11 -14.92 16.15
N ASN A 79 -15.99 -15.54 15.78
CA ASN A 79 -15.45 -15.40 14.44
C ASN A 79 -16.30 -16.13 13.42
N VAL A 80 -16.77 -17.31 13.77
CA VAL A 80 -17.67 -18.05 12.89
C VAL A 80 -18.97 -17.24 12.68
N TYR A 81 -19.50 -16.64 13.74
CA TYR A 81 -20.66 -15.76 13.66
C TYR A 81 -20.43 -14.62 12.67
N GLN A 82 -19.28 -13.93 12.75
CA GLN A 82 -19.05 -12.76 11.92
C GLN A 82 -18.70 -13.17 10.50
N GLU A 83 -18.16 -14.38 10.39
CA GLU A 83 -17.95 -15.00 9.07
C GLU A 83 -19.23 -15.39 8.32
N LYS A 84 -20.23 -15.94 9.01
CA LYS A 84 -21.54 -16.11 8.36
C LYS A 84 -22.11 -14.75 7.89
N ILE A 85 -21.95 -13.70 8.69
CA ILE A 85 -22.37 -12.37 8.25
C ILE A 85 -21.56 -11.88 7.03
N LEU A 86 -20.24 -12.00 7.09
CA LEU A 86 -19.42 -11.65 5.93
C LEU A 86 -19.87 -12.36 4.64
N ASN A 87 -20.35 -13.58 4.76
CA ASN A 87 -20.77 -14.35 3.58
C ASN A 87 -22.09 -13.87 2.95
N THR A 88 -22.85 -13.03 3.66
CA THR A 88 -24.06 -12.46 3.06
C THR A 88 -23.81 -11.13 2.32
N ILE A 89 -22.55 -10.68 2.25
CA ILE A 89 -22.27 -9.36 1.69
C ILE A 89 -21.89 -9.46 0.22
N LYS A 90 -22.66 -8.80 -0.63
CA LYS A 90 -22.33 -8.72 -2.06
C LYS A 90 -22.58 -7.31 -2.59
N ILE A 91 -21.56 -6.75 -3.24
CA ILE A 91 -21.75 -5.51 -3.96
C ILE A 91 -21.95 -5.84 -5.44
N ASP A 92 -23.13 -5.49 -5.96
CA ASP A 92 -23.40 -5.72 -7.39
C ASP A 92 -22.64 -4.73 -8.30
N ALA A 93 -22.37 -5.16 -9.53
CA ALA A 93 -21.73 -4.29 -10.52
C ALA A 93 -22.12 -2.82 -10.39
N ALA A 94 -23.43 -2.55 -10.27
CA ALA A 94 -23.91 -1.16 -10.38
C ALA A 94 -23.37 -0.22 -9.30
N LYS A 95 -23.22 -0.72 -8.06
CA LYS A 95 -22.68 0.12 -6.98
C LYS A 95 -21.19 0.47 -7.21
N VAL A 96 -20.45 -0.49 -7.74
CA VAL A 96 -19.03 -0.29 -7.99
C VAL A 96 -18.83 0.81 -9.06
N LYS A 97 -19.45 0.57 -10.21
CA LYS A 97 -19.57 1.56 -11.28
C LYS A 97 -20.05 2.91 -10.80
N ALA A 98 -21.17 2.91 -10.08
CA ALA A 98 -21.74 4.16 -9.54
C ALA A 98 -20.77 4.92 -8.65
N PHE A 99 -19.99 4.21 -7.83
CA PHE A 99 -18.99 4.91 -7.00
C PHE A 99 -17.87 5.51 -7.86
N TYR A 100 -17.40 4.75 -8.85
CA TYR A 100 -16.41 5.31 -9.78
C TYR A 100 -16.94 6.58 -10.46
N ASP A 101 -18.09 6.47 -11.14
CA ASP A 101 -18.69 7.61 -11.86
C ASP A 101 -18.83 8.84 -10.95
N GLN A 102 -19.30 8.61 -9.72
CA GLN A 102 -19.44 9.70 -8.74
C GLN A 102 -18.14 10.36 -8.33
N ASN A 103 -17.04 9.63 -8.35
CA ASN A 103 -15.76 10.17 -7.87
C ASN A 103 -14.73 10.31 -8.99
N LYS A 104 -15.22 10.30 -10.24
CA LYS A 104 -14.37 10.16 -11.41
C LYS A 104 -13.20 11.13 -11.35
N ASP A 105 -13.49 12.35 -10.91
CA ASP A 105 -12.52 13.44 -10.98
C ASP A 105 -11.49 13.38 -9.86
N LYS A 106 -11.64 12.43 -8.94
CA LYS A 106 -10.58 12.18 -7.94
C LYS A 106 -9.69 11.00 -8.31
N TYR A 107 -10.15 10.16 -9.23
CA TYR A 107 -9.33 9.08 -9.77
C TYR A 107 -8.43 9.56 -10.92
N VAL A 108 -7.51 10.46 -10.60
CA VAL A 108 -6.62 11.05 -11.57
C VAL A 108 -5.18 10.98 -11.09
N LYS A 109 -4.23 10.91 -12.02
CA LYS A 109 -2.83 11.18 -11.71
C LYS A 109 -2.52 12.65 -11.97
N PRO A 110 -1.95 13.33 -10.98
CA PRO A 110 -1.81 14.78 -11.05
C PRO A 110 -0.71 15.18 -12.01
N ALA A 111 -0.76 16.41 -12.48
CA ALA A 111 0.19 16.89 -13.47
C ALA A 111 1.55 17.02 -12.81
N ARG A 112 2.61 16.65 -13.51
CA ARG A 112 3.95 16.77 -12.96
C ARG A 112 4.85 17.55 -13.92
N VAL A 113 5.90 18.14 -13.37
CA VAL A 113 6.98 18.69 -14.18
C VAL A 113 8.34 18.18 -13.71
N GLN A 114 9.26 18.04 -14.65
CA GLN A 114 10.64 17.75 -14.36
C GLN A 114 11.51 18.96 -14.72
N ALA A 115 12.16 19.57 -13.73
CA ALA A 115 12.85 20.85 -13.97
C ALA A 115 14.16 20.97 -13.22
N LYS A 116 15.04 21.83 -13.72
CA LYS A 116 16.17 22.32 -12.94
C LYS A 116 15.98 23.79 -12.59
N HIS A 117 16.67 24.27 -11.55
CA HIS A 117 16.70 25.70 -11.27
C HIS A 117 18.06 26.25 -10.82
N ILE A 118 18.22 27.56 -10.93
CA ILE A 118 19.37 28.28 -10.37
C ILE A 118 18.85 29.37 -9.43
N LEU A 119 19.37 29.43 -8.22
CA LEU A 119 18.88 30.42 -7.26
C LEU A 119 19.97 31.44 -6.96
N VAL A 120 19.59 32.71 -6.92
CA VAL A 120 20.51 33.79 -6.62
C VAL A 120 19.72 34.84 -5.86
N ALA A 121 20.43 35.82 -5.31
CA ALA A 121 19.89 36.60 -4.20
C ALA A 121 19.27 37.87 -4.73
N THR A 122 19.54 38.16 -6.00
CA THR A 122 19.37 39.48 -6.55
C THR A 122 18.76 39.38 -7.96
N GLU A 123 17.74 40.19 -8.23
CA GLU A 123 17.03 40.17 -9.51
C GLU A 123 17.99 40.25 -10.69
N LYS A 124 19.03 41.07 -10.51
CA LYS A 124 19.98 41.38 -11.58
C LYS A 124 20.93 40.21 -11.87
N GLU A 125 21.31 39.49 -10.82
CA GLU A 125 22.07 38.24 -11.02
C GLU A 125 21.26 37.24 -11.85
N ALA A 126 19.95 37.16 -11.58
CA ALA A 126 19.05 36.27 -12.32
C ALA A 126 18.89 36.66 -13.78
N LYS A 127 18.86 37.97 -14.06
CA LYS A 127 18.82 38.44 -15.46
C LYS A 127 20.09 38.12 -16.22
N ASP A 128 21.23 38.19 -15.53
CA ASP A 128 22.53 37.92 -16.15
C ASP A 128 22.71 36.46 -16.49
N ILE A 129 22.29 35.58 -15.60
CA ILE A 129 22.25 34.16 -15.98
C ILE A 129 21.34 33.99 -17.19
N ILE A 130 20.17 34.61 -17.13
CA ILE A 130 19.20 34.50 -18.23
C ILE A 130 19.85 34.92 -19.55
N ASN A 131 20.56 36.05 -19.49
CA ASN A 131 21.45 36.52 -20.56
C ASN A 131 22.46 35.53 -21.12
N GLU A 132 23.24 34.92 -20.22
CA GLU A 132 24.26 33.97 -20.65
C GLU A 132 23.68 32.80 -21.43
N LEU A 133 22.41 32.47 -21.16
CA LEU A 133 21.74 31.31 -21.76
C LEU A 133 20.82 31.69 -22.95
N LYS A 134 20.53 32.98 -23.09
CA LYS A 134 19.69 33.46 -24.18
C LYS A 134 20.24 33.00 -25.54
N GLY A 135 19.35 32.44 -26.35
CA GLY A 135 19.71 32.02 -27.71
C GLY A 135 20.20 30.59 -27.81
N LEU A 136 20.31 29.91 -26.67
CA LEU A 136 20.72 28.52 -26.67
C LEU A 136 19.49 27.61 -26.57
N LYS A 137 19.63 26.37 -27.02
CA LYS A 137 18.51 25.46 -27.12
C LYS A 137 18.94 24.01 -26.86
N GLY A 138 17.98 23.19 -26.43
CA GLY A 138 18.18 21.74 -26.31
C GLY A 138 19.27 21.31 -25.35
N LYS A 139 20.03 20.29 -25.76
CA LYS A 139 21.04 19.70 -24.92
C LYS A 139 22.18 20.68 -24.63
N GLU A 140 22.34 21.70 -25.48
CA GLU A 140 23.34 22.74 -25.25
C GLU A 140 22.92 23.71 -24.15
N LEU A 141 21.64 24.10 -24.17
CA LEU A 141 21.04 24.86 -23.07
C LEU A 141 21.12 24.10 -21.73
N ASP A 142 20.92 22.79 -21.78
CA ASP A 142 20.89 21.95 -20.60
C ASP A 142 22.27 21.91 -19.93
N ALA A 143 23.30 21.55 -20.70
CA ALA A 143 24.68 21.48 -20.19
C ALA A 143 25.16 22.81 -19.60
N LYS A 144 24.99 23.88 -20.37
CA LYS A 144 25.32 25.21 -19.91
C LYS A 144 24.54 25.62 -18.67
N PHE A 145 23.25 25.30 -18.62
CA PHE A 145 22.45 25.57 -17.42
C PHE A 145 23.06 24.95 -16.16
N SER A 146 23.21 23.63 -16.19
CA SER A 146 23.74 22.86 -15.07
C SER A 146 25.13 23.38 -14.62
N GLU A 147 25.97 23.71 -15.59
CA GLU A 147 27.27 24.31 -15.30
C GLU A 147 27.12 25.66 -14.59
N LEU A 148 26.13 26.45 -14.99
CA LEU A 148 25.87 27.72 -14.32
C LEU A 148 25.32 27.52 -12.91
N ALA A 149 24.57 26.45 -12.71
CA ALA A 149 23.97 26.17 -11.41
C ALA A 149 25.03 25.73 -10.41
N LYS A 150 25.87 24.78 -10.81
CA LYS A 150 27.07 24.44 -10.06
C LYS A 150 27.91 25.69 -9.72
N GLU A 151 28.08 26.57 -10.70
CA GLU A 151 28.89 27.78 -10.53
C GLU A 151 28.27 28.83 -9.61
N LYS A 152 27.01 29.19 -9.84
CA LYS A 152 26.47 30.43 -9.26
C LYS A 152 25.22 30.26 -8.38
N SER A 153 24.58 29.09 -8.47
CA SER A 153 23.40 28.85 -7.65
C SER A 153 23.69 28.92 -6.17
N ILE A 154 22.74 29.46 -5.44
CA ILE A 154 22.85 29.63 -4.00
C ILE A 154 21.93 28.65 -3.26
N ASP A 155 21.37 27.69 -4.00
CA ASP A 155 20.59 26.63 -3.36
C ASP A 155 21.45 25.41 -3.00
N PRO A 156 21.70 25.21 -1.70
CA PRO A 156 22.56 24.12 -1.23
C PRO A 156 21.93 22.77 -1.53
N GLY A 157 20.60 22.77 -1.66
CA GLY A 157 19.86 21.54 -1.93
C GLY A 157 20.10 20.94 -3.32
N SER A 158 20.55 21.76 -4.27
CA SER A 158 20.61 21.35 -5.67
C SER A 158 21.83 21.87 -6.42
N LYS A 159 22.42 22.96 -5.94
CA LYS A 159 23.46 23.65 -6.70
C LYS A 159 24.48 22.64 -7.24
N ASN A 160 24.85 21.67 -6.39
CA ASN A 160 25.90 20.69 -6.70
C ASN A 160 25.46 19.70 -7.76
N GLN A 161 24.16 19.54 -7.93
CA GLN A 161 23.65 18.54 -8.87
C GLN A 161 23.22 19.19 -10.18
N GLY A 162 23.82 20.34 -10.48
CA GLY A 162 23.43 21.15 -11.63
C GLY A 162 22.01 21.71 -11.55
N GLY A 163 21.51 21.89 -10.33
CA GLY A 163 20.19 22.47 -10.11
C GLY A 163 19.03 21.50 -10.21
N GLU A 164 19.32 20.20 -10.37
CA GLU A 164 18.26 19.20 -10.54
C GLU A 164 17.25 19.18 -9.39
N LEU A 165 15.97 19.04 -9.74
CA LEU A 165 14.88 19.04 -8.76
C LEU A 165 14.02 17.79 -8.94
N GLY A 166 14.28 17.05 -10.01
CA GLY A 166 13.49 15.87 -10.36
C GLY A 166 12.04 16.17 -10.70
N TRP A 167 11.23 15.13 -10.83
CA TRP A 167 9.78 15.28 -11.01
C TRP A 167 9.07 15.76 -9.75
N PHE A 168 8.08 16.63 -9.93
CA PHE A 168 7.35 17.18 -8.79
C PHE A 168 5.99 17.67 -9.25
N ASP A 169 5.01 17.68 -8.34
CA ASP A 169 3.69 18.24 -8.66
C ASP A 169 3.43 19.60 -8.03
N GLN A 170 2.18 20.05 -8.08
CA GLN A 170 1.83 21.42 -7.69
C GLN A 170 1.68 21.53 -6.17
N SER A 171 1.40 20.39 -5.54
CA SER A 171 1.27 20.29 -4.08
C SER A 171 2.62 20.55 -3.42
N THR A 172 3.68 20.29 -4.18
CA THR A 172 5.01 20.05 -3.64
C THR A 172 5.67 21.31 -3.10
N MET A 173 5.51 22.42 -3.82
CA MET A 173 6.31 23.62 -3.56
C MET A 173 5.51 24.93 -3.65
N VAL A 174 6.20 26.04 -3.44
CA VAL A 174 5.59 27.38 -3.44
C VAL A 174 4.99 27.77 -4.79
N LYS A 175 3.77 28.32 -4.74
CA LYS A 175 2.98 28.55 -5.94
C LYS A 175 3.74 29.36 -6.99
N PRO A 176 4.39 30.47 -6.58
CA PRO A 176 5.03 31.32 -7.59
C PRO A 176 6.11 30.58 -8.41
N PHE A 177 6.85 29.67 -7.77
CA PHE A 177 7.79 28.80 -8.47
C PHE A 177 7.02 27.79 -9.35
N THR A 178 6.11 27.07 -8.71
CA THR A 178 5.17 26.15 -9.35
C THR A 178 4.45 26.74 -10.57
N ASP A 179 3.91 27.96 -10.42
CA ASP A 179 3.27 28.65 -11.52
C ASP A 179 4.17 28.79 -12.74
N ALA A 180 5.37 29.33 -12.56
CA ALA A 180 6.24 29.51 -13.72
C ALA A 180 6.64 28.17 -14.36
N ALA A 181 6.88 27.15 -13.52
CA ALA A 181 7.41 25.89 -14.01
C ALA A 181 6.37 25.08 -14.81
N PHE A 182 5.12 25.14 -14.38
CA PHE A 182 4.01 24.61 -15.17
C PHE A 182 3.69 25.38 -16.46
N ALA A 183 3.98 26.68 -16.48
CA ALA A 183 3.67 27.47 -17.66
C ALA A 183 4.65 27.24 -18.81
N LEU A 184 5.89 26.88 -18.50
CA LEU A 184 6.92 26.77 -19.52
C LEU A 184 6.65 25.66 -20.50
N LYS A 185 7.25 25.79 -21.67
CA LYS A 185 7.35 24.69 -22.60
C LYS A 185 8.58 23.83 -22.29
N ASN A 186 8.48 22.54 -22.55
CA ASN A 186 9.60 21.61 -22.39
C ASN A 186 10.87 22.13 -23.08
N GLY A 187 12.00 21.94 -22.41
CA GLY A 187 13.30 22.32 -22.97
C GLY A 187 13.60 23.80 -22.92
N THR A 188 12.79 24.58 -22.19
CA THR A 188 12.96 26.02 -22.17
C THR A 188 13.18 26.56 -20.77
N ILE A 189 13.72 27.77 -20.70
CA ILE A 189 13.96 28.44 -19.43
C ILE A 189 12.95 29.56 -19.22
N THR A 190 12.72 29.89 -17.97
CA THR A 190 12.12 31.14 -17.60
C THR A 190 13.01 32.30 -18.11
N THR A 191 12.45 33.07 -19.02
CA THR A 191 13.12 34.26 -19.57
C THR A 191 12.91 35.46 -18.66
N THR A 192 12.07 35.32 -17.64
CA THR A 192 12.02 36.30 -16.57
C THR A 192 12.23 35.64 -15.22
N PRO A 193 13.11 36.25 -14.40
CA PRO A 193 13.31 35.84 -13.01
C PRO A 193 12.00 35.57 -12.27
N VAL A 194 11.97 34.48 -11.51
CA VAL A 194 10.82 34.14 -10.66
C VAL A 194 11.14 34.48 -9.22
N LYS A 195 10.25 35.24 -8.57
CA LYS A 195 10.50 35.73 -7.23
C LYS A 195 9.82 34.89 -6.16
N THR A 196 10.58 34.42 -5.18
CA THR A 196 10.01 33.75 -4.01
C THR A 196 10.59 34.30 -2.69
N ASN A 197 10.23 33.63 -1.59
CA ASN A 197 10.88 33.82 -0.28
C ASN A 197 12.36 33.44 -0.23
N PHE A 198 12.82 32.62 -1.18
CA PHE A 198 14.22 32.21 -1.23
C PHE A 198 15.06 33.17 -2.07
N GLY A 199 14.41 33.97 -2.90
CA GLY A 199 15.14 34.88 -3.80
C GLY A 199 14.63 34.80 -5.23
N TYR A 200 15.56 34.89 -6.19
CA TYR A 200 15.24 34.97 -7.62
C TYR A 200 15.73 33.72 -8.35
N HIS A 201 14.82 33.01 -9.03
CA HIS A 201 15.16 31.75 -9.70
C HIS A 201 15.17 31.88 -11.21
N VAL A 202 16.06 31.12 -11.85
CA VAL A 202 15.91 30.74 -13.23
C VAL A 202 15.58 29.24 -13.34
N ILE A 203 14.52 28.92 -14.07
CA ILE A 203 14.04 27.54 -14.18
C ILE A 203 14.23 27.01 -15.60
N LEU A 204 14.79 25.82 -15.70
CA LEU A 204 14.79 25.08 -16.97
C LEU A 204 13.88 23.86 -16.87
N LYS A 205 12.85 23.79 -17.70
CA LYS A 205 11.93 22.66 -17.70
C LYS A 205 12.38 21.58 -18.66
N GLU A 206 12.59 20.37 -18.15
CA GLU A 206 13.08 19.28 -18.97
C GLU A 206 11.91 18.51 -19.61
N ASN A 207 10.87 18.26 -18.83
CA ASN A 207 9.74 17.42 -19.25
C ASN A 207 8.47 17.79 -18.49
N SER A 208 7.34 17.30 -18.96
CA SER A 208 6.07 17.48 -18.26
C SER A 208 5.24 16.21 -18.36
N GLN A 209 4.32 16.05 -17.43
CA GLN A 209 3.30 15.01 -17.57
C GLN A 209 1.95 15.65 -17.28
N ALA A 210 1.01 15.52 -18.22
CA ALA A 210 -0.32 16.10 -18.00
C ALA A 210 -1.08 15.23 -17.00
N LYS A 211 -1.95 15.88 -16.23
CA LYS A 211 -3.00 15.19 -15.48
C LYS A 211 -3.54 13.99 -16.28
N GLY A 212 -3.52 12.81 -15.68
CA GLY A 212 -4.04 11.61 -16.36
C GLY A 212 -5.26 11.05 -15.65
N GLN A 213 -6.23 10.57 -16.42
CA GLN A 213 -7.42 9.94 -15.88
C GLN A 213 -7.16 8.46 -15.62
N ILE A 214 -7.36 8.03 -14.39
CA ILE A 214 -7.41 6.60 -14.10
C ILE A 214 -8.71 5.95 -14.56
N LYS A 215 -8.60 4.84 -15.27
CA LYS A 215 -9.75 4.15 -15.84
C LYS A 215 -10.42 3.21 -14.83
N PHE A 216 -11.72 2.97 -15.04
CA PHE A 216 -12.53 2.13 -14.18
C PHE A 216 -11.89 0.75 -13.99
N ASP A 217 -11.46 0.13 -15.07
CA ASP A 217 -10.84 -1.19 -14.99
C ASP A 217 -9.59 -1.24 -14.11
N GLU A 218 -8.92 -0.13 -13.96
CA GLU A 218 -7.73 -0.08 -13.16
C GLU A 218 -8.08 -0.14 -11.67
N VAL A 219 -9.20 0.47 -11.30
CA VAL A 219 -9.51 0.69 -9.89
C VAL A 219 -10.73 -0.09 -9.39
N LYS A 220 -11.38 -0.85 -10.27
CA LYS A 220 -12.71 -1.38 -9.93
C LYS A 220 -12.69 -2.42 -8.81
N GLN A 221 -11.66 -3.24 -8.76
CA GLN A 221 -11.54 -4.25 -7.71
C GLN A 221 -11.31 -3.59 -6.37
N GLY A 222 -10.39 -2.64 -6.32
CA GLY A 222 -10.20 -1.80 -5.16
C GLY A 222 -11.46 -1.12 -4.65
N ILE A 223 -12.30 -0.63 -5.57
CA ILE A 223 -13.53 0.08 -5.19
C ILE A 223 -14.45 -0.96 -4.54
N GLU A 224 -14.57 -2.11 -5.18
CA GLU A 224 -15.38 -3.19 -4.70
C GLU A 224 -15.00 -3.68 -3.31
N ASN A 225 -13.70 -3.92 -3.11
CA ASN A 225 -13.16 -4.33 -1.82
C ASN A 225 -13.54 -3.34 -0.74
N GLY A 226 -13.36 -2.06 -1.05
CA GLY A 226 -13.67 -0.98 -0.10
C GLY A 226 -15.16 -0.83 0.17
N LEU A 227 -16.00 -0.98 -0.86
CA LEU A 227 -17.44 -0.99 -0.62
C LEU A 227 -17.89 -2.24 0.19
N LYS A 228 -17.30 -3.40 -0.07
CA LYS A 228 -17.67 -4.61 0.67
C LYS A 228 -17.35 -4.47 2.14
N PHE A 229 -16.24 -3.82 2.43
CA PHE A 229 -15.75 -3.71 3.77
C PHE A 229 -16.63 -2.75 4.51
N GLU A 230 -16.96 -1.61 3.90
CA GLU A 230 -17.86 -0.64 4.52
C GLU A 230 -19.23 -1.26 4.79
N GLU A 231 -19.73 -2.02 3.82
CA GLU A 231 -21.00 -2.69 3.96
C GLU A 231 -20.92 -3.72 5.10
N PHE A 232 -19.84 -4.48 5.15
CA PHE A 232 -19.62 -5.45 6.23
C PHE A 232 -19.69 -4.81 7.60
N LYS A 233 -19.03 -3.66 7.74
CA LYS A 233 -19.02 -2.95 9.01
C LYS A 233 -20.40 -2.44 9.39
N LYS A 234 -21.14 -1.98 8.40
CA LYS A 234 -22.51 -1.50 8.63
C LYS A 234 -23.40 -2.64 9.09
N VAL A 235 -23.33 -3.77 8.40
CA VAL A 235 -24.14 -4.92 8.78
C VAL A 235 -23.78 -5.48 10.15
N ILE A 236 -22.49 -5.43 10.50
CA ILE A 236 -21.99 -6.00 11.75
C ILE A 236 -22.39 -5.11 12.92
N ASN A 237 -22.22 -3.79 12.72
CA ASN A 237 -22.64 -2.86 13.75
C ASN A 237 -24.16 -2.79 13.91
N GLN A 238 -24.90 -2.93 12.82
CA GLN A 238 -26.34 -3.00 12.94
C GLN A 238 -26.67 -4.23 13.82
N LYS A 239 -26.13 -5.40 13.45
CA LYS A 239 -26.38 -6.61 14.20
C LYS A 239 -26.13 -6.34 15.66
N GLY A 240 -25.02 -5.67 15.92
CA GLY A 240 -24.56 -5.48 17.28
C GLY A 240 -25.55 -4.61 18.04
N GLN A 241 -26.26 -3.75 17.28
CA GLN A 241 -27.38 -2.97 17.75
C GLN A 241 -28.67 -3.75 17.98
N ASP A 242 -29.03 -4.66 17.06
CA ASP A 242 -30.22 -5.43 17.27
C ASP A 242 -30.12 -6.23 18.57
N LEU A 243 -28.90 -6.63 18.96
CA LEU A 243 -28.73 -7.66 19.99
C LEU A 243 -28.78 -6.94 21.32
N LEU A 244 -28.10 -5.82 21.34
CA LEU A 244 -28.04 -4.98 22.55
C LEU A 244 -29.41 -4.42 22.96
N ASN A 245 -30.18 -3.96 21.97
CA ASN A 245 -31.43 -3.28 22.23
C ASN A 245 -32.36 -4.28 22.91
N SER A 246 -32.65 -5.31 22.11
CA SER A 246 -33.17 -6.65 22.45
C SER A 246 -32.94 -7.18 23.86
N ALA A 247 -31.78 -6.92 24.42
CA ALA A 247 -31.43 -7.40 25.75
C ALA A 247 -31.82 -6.35 26.78
N LYS A 248 -32.09 -6.80 27.99
CA LYS A 248 -32.24 -5.93 29.14
C LYS A 248 -30.95 -5.85 29.94
N VAL A 249 -30.33 -4.68 29.92
CA VAL A 249 -29.00 -4.43 30.41
C VAL A 249 -28.99 -3.39 31.53
N GLU A 250 -28.49 -3.74 32.70
CA GLU A 250 -28.32 -2.79 33.79
C GLU A 250 -26.86 -2.66 34.21
N TYR A 251 -26.35 -1.42 34.26
CA TYR A 251 -24.96 -1.18 34.71
C TYR A 251 -24.92 -0.85 36.19
N LYS A 252 -24.08 -1.58 36.93
CA LYS A 252 -23.92 -1.38 38.37
C LYS A 252 -22.78 -0.42 38.70
#